data_5UDL
#
_entry.id   5UDL
#
_cell.length_a   111.760
_cell.length_b   111.760
_cell.length_c   92.992
_cell.angle_alpha   90.000
_cell.angle_beta   90.000
_cell.angle_gamma   90.000
#
_symmetry.space_group_name_H-M   'P 42 2 2'
#
loop_
_entity.id
_entity.type
_entity.pdbx_description
1 polymer 'Interferon-induced protein with tetratricopeptide repeats 1'
2 polymer "RNA (5'-D(*(GTA))-R(P*AP*AP*A)-3')"
3 non-polymer 'TRIETHYLENE GLYCOL'
4 non-polymer 'CALCIUM ION'
5 water water
#
loop_
_entity_poly.entity_id
_entity_poly.type
_entity_poly.pdbx_seq_one_letter_code
_entity_poly.pdbx_strand_id
1 'polypeptide(L)'
;SMSTNGDDHQVKDSLEQLRCHFTWELSIDDDEMPDLENRVLDQIEFLDTKYSVGIHNLLAYVKHLKGQNEEALKSLKEAE
NLMQEEHDNQANVRSLVTWGNFAWMYYHMGRLAEAQTYLDKVENICKKLSNPFRYRMECPEIDCEEGWALLKCGGKNYER
AKACFEKVLEVDPENPESSAGYAISAYRLDGFKLATKNHKPFSLLPLRQAVRLNPDAGYIKVLLALKLQDEGQEAEGEKY
IEEALANMSSQTYVFRYAAKFYRRKGSVDKALELLKKALQETPTSVLLHHQIGLCYKAQMIQIKEATKGQPRGQNREKLD
KMIRSAIFHFESAVEKKPTFEVAHLDLARMYIEAGNHRKAEENFQKLLCMKPVVEETMQDIHFHYGRFQEFQKKSDVNAI
IHYLKAIKIEQASLTRDKSINSLKKLVLRKLRRKALDLESLSLLGFVYKLEGNMNEAEEYYERAERLAADFENSVRQGP
;
A
2 'polyribonucleotide' (GTA)AAA B
#
loop_
_chem_comp.id
_chem_comp.type
_chem_comp.name
_chem_comp.formula
A RNA linking ADENOSINE-5'-MONOPHOSPHATE 'C10 H14 N5 O7 P'
CA non-polymer 'CALCIUM ION' 'Ca 2'
GTA non-polymer P1-7-METHYLGUANOSINE-P3-ADENOSINE-5',5'-TRIPHOSPHATE 'C21 H30 N10 O17 P3 1'
PGE non-polymer 'TRIETHYLENE GLYCOL' 'C6 H14 O4'
#
# COMPACT_ATOMS: atom_id res chain seq x y z
N HIS A 9 -14.02 -10.27 -37.30
CA HIS A 9 -13.72 -9.83 -35.94
C HIS A 9 -13.98 -10.93 -34.90
N GLN A 10 -14.04 -12.18 -35.38
CA GLN A 10 -14.24 -13.33 -34.50
C GLN A 10 -13.07 -13.49 -33.55
N VAL A 11 -11.84 -13.29 -34.04
CA VAL A 11 -10.68 -13.52 -33.19
C VAL A 11 -10.69 -12.55 -32.01
N LYS A 12 -10.81 -11.24 -32.28
CA LYS A 12 -10.77 -10.27 -31.19
C LYS A 12 -11.93 -10.50 -30.21
N ASP A 13 -13.12 -10.78 -30.73
CA ASP A 13 -14.24 -11.04 -29.82
C ASP A 13 -13.97 -12.26 -28.94
N SER A 14 -13.33 -13.28 -29.50
CA SER A 14 -12.99 -14.47 -28.73
C SER A 14 -11.94 -14.14 -27.68
N LEU A 15 -10.95 -13.33 -28.06
CA LEU A 15 -9.88 -12.97 -27.13
C LEU A 15 -10.44 -12.24 -25.92
N GLU A 16 -11.47 -11.41 -26.15
CA GLU A 16 -12.07 -10.62 -25.08
C GLU A 16 -12.82 -11.51 -24.08
N GLN A 17 -13.14 -12.75 -24.46
CA GLN A 17 -13.83 -13.66 -23.54
CA GLN A 17 -13.82 -13.67 -23.55
C GLN A 17 -12.87 -14.40 -22.62
N LEU A 18 -11.57 -14.40 -22.92
CA LEU A 18 -10.59 -15.11 -22.13
C LEU A 18 -10.42 -14.42 -20.78
N ARG A 19 -10.11 -15.20 -19.75
CA ARG A 19 -9.82 -14.68 -18.43
C ARG A 19 -8.29 -14.70 -18.32
N CYS A 20 -7.69 -13.53 -18.39
CA CYS A 20 -6.24 -13.42 -18.31
C CYS A 20 -5.90 -11.94 -18.17
N HIS A 21 -4.60 -11.65 -18.06
CA HIS A 21 -4.20 -10.29 -17.71
C HIS A 21 -4.73 -9.28 -18.71
N PHE A 22 -4.78 -9.65 -19.99
CA PHE A 22 -5.24 -8.71 -21.00
C PHE A 22 -6.70 -8.30 -20.82
N THR A 23 -7.52 -9.07 -20.11
CA THR A 23 -8.93 -8.75 -19.94
C THR A 23 -9.28 -8.40 -18.51
N TRP A 24 -8.29 -8.29 -17.63
CA TRP A 24 -8.54 -8.03 -16.23
C TRP A 24 -8.47 -6.55 -15.84
N GLU A 25 -8.25 -5.65 -16.81
CA GLU A 25 -8.30 -4.21 -16.55
C GLU A 25 -7.47 -3.83 -15.32
N LEU A 26 -6.20 -4.23 -15.35
CA LEU A 26 -5.31 -3.93 -14.24
C LEU A 26 -4.88 -2.46 -14.23
N SER A 27 -4.88 -1.81 -15.40
CA SER A 27 -4.61 -0.37 -15.50
C SER A 27 -3.27 0.00 -14.88
N ILE A 28 -2.23 -0.62 -15.38
CA ILE A 28 -0.90 -0.36 -14.83
C ILE A 28 -0.42 0.98 -15.36
N ASP A 29 -0.16 1.93 -14.44
CA ASP A 29 0.35 3.26 -14.79
C ASP A 29 1.84 3.22 -15.09
N ASP A 30 2.26 3.95 -16.12
CA ASP A 30 3.65 3.92 -16.54
C ASP A 30 4.58 4.30 -15.38
N ASP A 31 4.17 5.24 -14.52
CA ASP A 31 5.07 5.69 -13.47
C ASP A 31 5.27 4.64 -12.39
N GLU A 32 4.40 3.65 -12.34
CA GLU A 32 4.48 2.57 -11.36
C GLU A 32 5.02 1.29 -11.96
N MET A 33 5.30 1.28 -13.26
CA MET A 33 5.75 0.06 -13.94
C MET A 33 7.12 -0.40 -13.47
N PRO A 34 8.13 0.46 -13.32
CA PRO A 34 9.44 -0.03 -12.85
C PRO A 34 9.33 -0.71 -11.50
N ASP A 35 8.59 -0.12 -10.56
CA ASP A 35 8.43 -0.72 -9.24
C ASP A 35 7.64 -2.02 -9.33
N LEU A 36 6.59 -2.07 -10.13
CA LEU A 36 5.85 -3.32 -10.27
C LEU A 36 6.76 -4.44 -10.78
N GLU A 37 7.56 -4.14 -11.81
CA GLU A 37 8.47 -5.16 -12.33
C GLU A 37 9.44 -5.64 -11.25
N ASN A 38 9.96 -4.72 -10.43
CA ASN A 38 10.87 -5.12 -9.37
C ASN A 38 10.16 -6.00 -8.36
N ARG A 39 8.90 -5.68 -8.02
CA ARG A 39 8.16 -6.45 -7.02
C ARG A 39 7.79 -7.81 -7.55
N VAL A 40 7.53 -7.92 -8.85
CA VAL A 40 7.25 -9.20 -9.48
C VAL A 40 8.48 -10.09 -9.44
N LEU A 41 9.64 -9.52 -9.79
CA LEU A 41 10.88 -10.29 -9.72
C LEU A 41 11.19 -10.71 -8.30
N ASP A 42 10.99 -9.81 -7.33
CA ASP A 42 11.20 -10.16 -5.91
C ASP A 42 10.32 -11.35 -5.54
N GLN A 43 9.04 -11.31 -5.94
CA GLN A 43 8.10 -12.35 -5.55
C GLN A 43 8.49 -13.69 -6.16
N ILE A 44 8.89 -13.68 -7.43
CA ILE A 44 9.38 -14.91 -8.08
C ILE A 44 10.50 -15.53 -7.25
N GLU A 45 11.46 -14.71 -6.80
CA GLU A 45 12.64 -15.26 -6.14
C GLU A 45 12.39 -15.62 -4.68
N PHE A 46 11.47 -14.92 -3.98
CA PHE A 46 11.41 -15.03 -2.52
C PHE A 46 10.05 -15.38 -1.90
N LEU A 47 8.95 -15.35 -2.64
CA LEU A 47 7.67 -15.73 -2.04
C LEU A 47 7.46 -17.21 -2.28
N ASP A 48 7.22 -17.95 -1.21
CA ASP A 48 7.03 -19.39 -1.32
C ASP A 48 5.54 -19.65 -1.41
N THR A 49 5.09 -20.00 -2.61
CA THR A 49 3.70 -20.37 -2.83
CA THR A 49 3.70 -20.37 -2.82
C THR A 49 3.65 -21.67 -3.62
N LYS A 50 2.50 -22.35 -3.54
CA LYS A 50 2.37 -23.64 -4.20
C LYS A 50 2.52 -23.51 -5.71
N TYR A 51 1.83 -22.53 -6.31
CA TYR A 51 1.86 -22.34 -7.76
C TYR A 51 2.46 -20.98 -8.09
N SER A 52 3.31 -20.96 -9.11
CA SER A 52 3.94 -19.72 -9.56
C SER A 52 3.52 -19.34 -10.98
N VAL A 53 2.49 -19.99 -11.51
CA VAL A 53 2.01 -19.65 -12.84
CA VAL A 53 2.00 -19.65 -12.85
C VAL A 53 1.55 -18.19 -12.89
N GLY A 54 0.83 -17.74 -11.87
CA GLY A 54 0.30 -16.39 -11.89
C GLY A 54 1.39 -15.33 -11.99
N ILE A 55 2.44 -15.49 -11.20
CA ILE A 55 3.41 -14.39 -11.14
C ILE A 55 4.23 -14.31 -12.42
N HIS A 56 4.54 -15.45 -13.06
CA HIS A 56 5.22 -15.42 -14.34
C HIS A 56 4.34 -14.87 -15.44
N ASN A 57 3.04 -15.15 -15.39
CA ASN A 57 2.13 -14.53 -16.35
C ASN A 57 2.09 -13.02 -16.17
N LEU A 58 2.13 -12.53 -14.93
CA LEU A 58 2.13 -11.09 -14.73
C LEU A 58 3.42 -10.46 -15.24
N LEU A 59 4.55 -11.13 -15.01
CA LEU A 59 5.80 -10.63 -15.58
C LEU A 59 5.72 -10.56 -17.09
N ALA A 60 5.13 -11.57 -17.74
CA ALA A 60 4.97 -11.51 -19.19
C ALA A 60 4.14 -10.31 -19.60
N TYR A 61 3.04 -10.05 -18.88
CA TYR A 61 2.19 -8.91 -19.21
C TYR A 61 2.96 -7.60 -19.06
N VAL A 62 3.74 -7.48 -17.99
CA VAL A 62 4.60 -6.31 -17.81
C VAL A 62 5.56 -6.14 -18.98
N LYS A 63 6.25 -7.22 -19.38
CA LYS A 63 7.18 -7.13 -20.51
C LYS A 63 6.46 -6.66 -21.76
N HIS A 64 5.25 -7.19 -22.01
CA HIS A 64 4.45 -6.72 -23.13
C HIS A 64 4.20 -5.21 -23.05
N LEU A 65 3.83 -4.73 -21.86
CA LEU A 65 3.52 -3.31 -21.71
C LEU A 65 4.76 -2.44 -21.92
N LYS A 66 5.93 -3.00 -21.65
CA LYS A 66 7.22 -2.34 -21.89
C LYS A 66 7.65 -2.35 -23.34
N GLY A 67 6.93 -3.03 -24.23
CA GLY A 67 7.32 -3.16 -25.62
C GLY A 67 8.28 -4.30 -25.90
N GLN A 68 8.32 -5.31 -25.04
CA GLN A 68 9.25 -6.42 -25.14
C GLN A 68 8.44 -7.71 -25.31
N ASN A 69 7.78 -7.86 -26.45
CA ASN A 69 6.93 -9.02 -26.66
C ASN A 69 7.72 -10.33 -26.70
N GLU A 70 8.92 -10.33 -27.26
CA GLU A 70 9.68 -11.56 -27.27
C GLU A 70 10.05 -11.97 -25.85
N GLU A 71 10.39 -10.98 -25.01
CA GLU A 71 10.67 -11.30 -23.61
C GLU A 71 9.41 -11.80 -22.90
N ALA A 72 8.26 -11.24 -23.26
CA ALA A 72 7.00 -11.69 -22.67
C ALA A 72 6.76 -13.16 -22.97
N LEU A 73 6.99 -13.57 -24.22
CA LEU A 73 6.79 -14.97 -24.57
C LEU A 73 7.69 -15.86 -23.74
N LYS A 74 8.91 -15.40 -23.42
CA LYS A 74 9.81 -16.23 -22.62
C LYS A 74 9.22 -16.50 -21.25
N SER A 75 8.56 -15.50 -20.66
CA SER A 75 7.95 -15.68 -19.34
C SER A 75 6.73 -16.61 -19.42
N LEU A 76 5.98 -16.56 -20.53
CA LEU A 76 4.86 -17.48 -20.66
C LEU A 76 5.36 -18.92 -20.81
N LYS A 77 6.44 -19.11 -21.55
CA LYS A 77 7.00 -20.45 -21.68
C LYS A 77 7.53 -20.94 -20.34
N GLU A 78 8.11 -20.05 -19.54
CA GLU A 78 8.58 -20.45 -18.23
C GLU A 78 7.42 -20.83 -17.33
N ALA A 79 6.30 -20.11 -17.43
CA ALA A 79 5.13 -20.46 -16.64
C ALA A 79 4.69 -21.88 -16.96
N GLU A 80 4.69 -22.24 -18.24
CA GLU A 80 4.31 -23.60 -18.63
C GLU A 80 5.34 -24.62 -18.16
N ASN A 81 6.63 -24.31 -18.33
CA ASN A 81 7.66 -25.24 -17.88
C ASN A 81 7.55 -25.50 -16.39
N LEU A 82 7.33 -24.45 -15.59
CA LEU A 82 7.29 -24.62 -14.13
C LEU A 82 6.06 -25.42 -13.70
N MET A 83 4.93 -25.25 -14.39
CA MET A 83 3.74 -26.00 -14.00
C MET A 83 3.93 -27.50 -14.15
N GLN A 84 4.76 -27.93 -15.11
CA GLN A 84 5.04 -29.36 -15.28
C GLN A 84 5.55 -30.00 -13.99
N GLU A 85 6.10 -29.21 -13.08
CA GLU A 85 6.60 -29.69 -11.79
C GLU A 85 5.70 -29.32 -10.62
N GLU A 86 5.11 -28.12 -10.62
CA GLU A 86 4.23 -27.72 -9.53
C GLU A 86 2.98 -28.60 -9.44
N HIS A 87 2.68 -29.36 -10.48
CA HIS A 87 1.58 -30.31 -10.49
C HIS A 87 2.04 -31.73 -10.76
N ASP A 88 3.35 -31.96 -10.91
CA ASP A 88 3.91 -33.29 -11.14
C ASP A 88 3.56 -33.80 -12.53
N ASN A 89 3.77 -32.95 -13.54
CA ASN A 89 3.51 -33.24 -14.94
C ASN A 89 2.01 -33.32 -15.25
N GLN A 90 1.14 -33.07 -14.28
CA GLN A 90 -0.29 -33.24 -14.46
C GLN A 90 -0.94 -31.94 -14.93
N ALA A 91 -2.11 -32.08 -15.56
CA ALA A 91 -2.80 -30.95 -16.16
C ALA A 91 -3.47 -30.09 -15.08
N ASN A 92 -3.40 -28.77 -15.26
CA ASN A 92 -3.92 -27.84 -14.27
C ASN A 92 -4.62 -26.70 -14.99
N VAL A 93 -5.83 -26.38 -14.53
CA VAL A 93 -6.64 -25.36 -15.16
C VAL A 93 -5.99 -23.98 -15.12
N ARG A 94 -5.03 -23.75 -14.22
CA ARG A 94 -4.35 -22.44 -14.22
C ARG A 94 -3.62 -22.20 -15.53
N SER A 95 -3.29 -23.28 -16.25
CA SER A 95 -2.68 -23.16 -17.58
C SER A 95 -3.55 -22.33 -18.52
N LEU A 96 -4.85 -22.26 -18.27
CA LEU A 96 -5.68 -21.51 -19.18
C LEU A 96 -5.37 -20.01 -19.14
N VAL A 97 -4.87 -19.51 -18.00
CA VAL A 97 -4.41 -18.11 -17.97
C VAL A 97 -3.24 -17.93 -18.91
N THR A 98 -2.26 -18.83 -18.82
CA THR A 98 -1.12 -18.78 -19.72
C THR A 98 -1.53 -18.87 -21.17
N TRP A 99 -2.43 -19.80 -21.51
CA TRP A 99 -2.86 -19.94 -22.90
C TRP A 99 -3.61 -18.70 -23.37
N GLY A 100 -4.39 -18.08 -22.49
CA GLY A 100 -5.07 -16.86 -22.86
C GLY A 100 -4.09 -15.75 -23.17
N ASN A 101 -3.06 -15.64 -22.35
CA ASN A 101 -2.04 -14.62 -22.59
C ASN A 101 -1.23 -14.93 -23.85
N PHE A 102 -0.94 -16.20 -24.14
CA PHE A 102 -0.33 -16.54 -25.43
C PHE A 102 -1.19 -16.06 -26.58
N ALA A 103 -2.51 -16.31 -26.51
CA ALA A 103 -3.37 -15.95 -27.64
C ALA A 103 -3.34 -14.46 -27.87
N TRP A 104 -3.42 -13.69 -26.80
CA TRP A 104 -3.33 -12.24 -26.91
C TRP A 104 -1.96 -11.80 -27.42
N MET A 105 -0.89 -12.37 -26.87
CA MET A 105 0.45 -11.99 -27.30
C MET A 105 0.63 -12.24 -28.79
N TYR A 106 0.27 -13.43 -29.24
CA TYR A 106 0.39 -13.74 -30.66
C TYR A 106 -0.50 -12.85 -31.52
N TYR A 107 -1.69 -12.51 -31.04
CA TYR A 107 -2.52 -11.54 -31.75
C TYR A 107 -1.81 -10.20 -31.89
N HIS A 108 -1.24 -9.67 -30.81
CA HIS A 108 -0.53 -8.40 -30.90
C HIS A 108 0.71 -8.49 -31.79
N MET A 109 1.38 -9.63 -31.81
CA MET A 109 2.56 -9.80 -32.66
C MET A 109 2.24 -10.13 -34.11
N GLY A 110 0.97 -10.31 -34.47
CA GLY A 110 0.62 -10.69 -35.84
C GLY A 110 0.73 -12.17 -36.14
N ARG A 111 1.00 -13.01 -35.14
CA ARG A 111 1.10 -14.46 -35.33
C ARG A 111 -0.29 -15.06 -35.12
N LEU A 112 -1.16 -14.77 -36.09
CA LEU A 112 -2.59 -14.96 -35.90
C LEU A 112 -3.01 -16.41 -35.98
N ALA A 113 -2.32 -17.23 -36.79
CA ALA A 113 -2.60 -18.66 -36.76
C ALA A 113 -2.32 -19.25 -35.39
N GLU A 114 -1.20 -18.88 -34.77
CA GLU A 114 -0.89 -19.36 -33.44
C GLU A 114 -1.88 -18.81 -32.41
N ALA A 115 -2.30 -17.57 -32.59
CA ALA A 115 -3.31 -17.03 -31.69
C ALA A 115 -4.56 -17.91 -31.72
N GLN A 116 -5.01 -18.29 -32.93
CA GLN A 116 -6.18 -19.15 -33.04
C GLN A 116 -5.94 -20.52 -32.43
N THR A 117 -4.72 -21.05 -32.54
CA THR A 117 -4.39 -22.31 -31.89
C THR A 117 -4.63 -22.24 -30.39
N TYR A 118 -4.17 -21.17 -29.75
CA TYR A 118 -4.37 -21.07 -28.30
C TYR A 118 -5.82 -20.84 -27.93
N LEU A 119 -6.59 -20.10 -28.74
CA LEU A 119 -8.03 -20.02 -28.50
C LEU A 119 -8.64 -21.42 -28.53
N ASP A 120 -8.26 -22.22 -29.53
CA ASP A 120 -8.83 -23.58 -29.69
C ASP A 120 -8.46 -24.46 -28.49
N LYS A 121 -7.23 -24.32 -27.98
CA LYS A 121 -6.82 -25.08 -26.79
C LYS A 121 -7.69 -24.73 -25.59
N VAL A 122 -7.96 -23.45 -25.38
CA VAL A 122 -8.81 -23.03 -24.27
C VAL A 122 -10.21 -23.59 -24.45
N GLU A 123 -10.78 -23.43 -25.65
CA GLU A 123 -12.13 -23.91 -25.90
C GLU A 123 -12.22 -25.40 -25.64
N ASN A 124 -11.21 -26.16 -26.08
CA ASN A 124 -11.20 -27.59 -25.87
C ASN A 124 -11.27 -27.95 -24.39
N ILE A 125 -10.58 -27.19 -23.55
CA ILE A 125 -10.63 -27.50 -22.11
C ILE A 125 -11.95 -27.06 -21.51
N CYS A 126 -12.49 -25.93 -21.96
CA CYS A 126 -13.78 -25.50 -21.43
C CYS A 126 -14.85 -26.54 -21.72
N LYS A 127 -14.81 -27.15 -22.91
CA LYS A 127 -15.72 -28.24 -23.27
C LYS A 127 -15.52 -29.45 -22.37
N LYS A 128 -14.27 -29.89 -22.25
CA LYS A 128 -13.94 -31.07 -21.46
C LYS A 128 -14.48 -30.96 -20.03
N LEU A 129 -14.42 -29.76 -19.45
CA LEU A 129 -14.84 -29.54 -18.07
C LEU A 129 -16.30 -29.11 -17.97
N SER A 130 -17.06 -29.15 -19.06
CA SER A 130 -18.48 -28.81 -19.05
C SER A 130 -18.70 -27.39 -18.54
N ASN A 131 -17.76 -26.51 -18.89
CA ASN A 131 -17.88 -25.09 -18.58
C ASN A 131 -18.98 -24.46 -19.45
N PRO A 132 -19.82 -23.59 -18.89
CA PRO A 132 -20.89 -23.01 -19.71
C PRO A 132 -20.39 -22.12 -20.83
N PHE A 133 -19.22 -21.49 -20.65
CA PHE A 133 -18.70 -20.58 -21.66
C PHE A 133 -17.69 -21.28 -22.57
N ARG A 134 -17.57 -20.76 -23.78
CA ARG A 134 -16.63 -21.34 -24.75
C ARG A 134 -15.20 -21.01 -24.39
N TYR A 135 -14.94 -19.77 -23.97
CA TYR A 135 -13.58 -19.34 -23.67
C TYR A 135 -13.36 -18.82 -22.25
N ARG A 136 -14.41 -18.52 -21.52
CA ARG A 136 -14.31 -17.91 -20.19
C ARG A 136 -14.44 -19.04 -19.16
N MET A 137 -13.31 -19.48 -18.59
CA MET A 137 -13.32 -20.62 -17.69
C MET A 137 -13.77 -20.18 -16.29
N GLU A 138 -14.88 -20.75 -15.83
CA GLU A 138 -15.45 -20.45 -14.51
C GLU A 138 -14.96 -21.54 -13.57
N CYS A 139 -13.97 -21.20 -12.75
CA CYS A 139 -13.46 -22.13 -11.76
C CYS A 139 -12.79 -21.31 -10.67
N PRO A 140 -12.72 -21.83 -9.44
CA PRO A 140 -12.16 -21.02 -8.34
C PRO A 140 -10.70 -20.73 -8.51
N GLU A 141 -9.93 -21.62 -9.15
CA GLU A 141 -8.51 -21.36 -9.37
C GLU A 141 -8.31 -20.06 -10.16
N ILE A 142 -9.10 -19.84 -11.20
CA ILE A 142 -8.93 -18.64 -12.00
CA ILE A 142 -8.93 -18.64 -12.00
C ILE A 142 -9.49 -17.41 -11.30
N ASP A 143 -10.57 -17.55 -10.52
CA ASP A 143 -10.99 -16.45 -9.65
C ASP A 143 -9.84 -16.03 -8.75
N CYS A 144 -9.12 -17.00 -8.18
CA CYS A 144 -7.97 -16.68 -7.34
C CYS A 144 -6.89 -15.99 -8.15
N GLU A 145 -6.59 -16.50 -9.35
CA GLU A 145 -5.53 -15.87 -10.14
C GLU A 145 -5.88 -14.43 -10.48
N GLU A 146 -7.15 -14.17 -10.82
CA GLU A 146 -7.59 -12.80 -11.08
C GLU A 146 -7.36 -11.92 -9.84
N GLY A 147 -7.73 -12.45 -8.68
CA GLY A 147 -7.52 -11.72 -7.43
C GLY A 147 -6.07 -11.43 -7.13
N TRP A 148 -5.19 -12.43 -7.29
CA TRP A 148 -3.78 -12.18 -7.00
C TRP A 148 -3.19 -11.13 -7.95
N ALA A 149 -3.58 -11.16 -9.22
CA ALA A 149 -3.07 -10.18 -10.17
C ALA A 149 -3.50 -8.78 -9.75
N LEU A 150 -4.77 -8.62 -9.41
CA LEU A 150 -5.30 -7.33 -8.95
C LEU A 150 -4.57 -6.88 -7.68
N LEU A 151 -4.32 -7.81 -6.76
CA LEU A 151 -3.71 -7.49 -5.48
C LEU A 151 -2.25 -7.07 -5.62
N LYS A 152 -1.59 -7.48 -6.70
CA LYS A 152 -0.21 -7.08 -6.96
C LYS A 152 -0.12 -5.74 -7.68
N CYS A 153 -1.21 -5.28 -8.30
CA CYS A 153 -1.15 -4.14 -9.20
C CYS A 153 -1.71 -2.86 -8.58
N GLY A 154 -1.55 -2.69 -7.28
CA GLY A 154 -1.76 -1.41 -6.65
C GLY A 154 -3.11 -1.28 -5.97
N GLY A 155 -3.12 -0.38 -4.97
CA GLY A 155 -4.27 -0.19 -4.11
C GLY A 155 -5.59 0.11 -4.78
N LYS A 156 -5.57 0.78 -5.95
CA LYS A 156 -6.83 1.06 -6.63
C LYS A 156 -7.59 -0.21 -6.99
N ASN A 157 -6.90 -1.35 -7.05
CA ASN A 157 -7.49 -2.61 -7.47
C ASN A 157 -7.92 -3.49 -6.31
N TYR A 158 -7.78 -3.02 -5.07
CA TYR A 158 -7.97 -3.94 -3.94
C TYR A 158 -9.42 -4.32 -3.69
N GLU A 159 -10.38 -3.42 -3.87
CA GLU A 159 -11.77 -3.84 -3.72
C GLU A 159 -12.11 -4.92 -4.74
N ARG A 160 -11.64 -4.77 -5.97
CA ARG A 160 -11.89 -5.80 -6.97
C ARG A 160 -11.20 -7.09 -6.60
N ALA A 161 -9.97 -7.01 -6.07
CA ALA A 161 -9.26 -8.23 -5.67
C ALA A 161 -10.03 -8.96 -4.59
N LYS A 162 -10.48 -8.23 -3.58
CA LYS A 162 -11.18 -8.86 -2.48
C LYS A 162 -12.42 -9.59 -2.98
N ALA A 163 -13.13 -8.97 -3.92
CA ALA A 163 -14.36 -9.56 -4.46
C ALA A 163 -14.08 -10.86 -5.21
N CYS A 164 -12.92 -10.96 -5.89
CA CYS A 164 -12.53 -12.21 -6.54
C CYS A 164 -12.43 -13.34 -5.53
N PHE A 165 -11.75 -13.11 -4.41
CA PHE A 165 -11.56 -14.16 -3.43
C PHE A 165 -12.87 -14.45 -2.71
N GLU A 166 -13.65 -13.41 -2.46
CA GLU A 166 -14.93 -13.57 -1.79
C GLU A 166 -15.87 -14.45 -2.60
N LYS A 167 -15.80 -14.35 -3.93
CA LYS A 167 -16.63 -15.17 -4.80
C LYS A 167 -16.37 -16.66 -4.57
N VAL A 168 -15.11 -17.03 -4.35
CA VAL A 168 -14.76 -18.42 -4.06
C VAL A 168 -15.26 -18.81 -2.68
N LEU A 169 -15.07 -17.95 -1.69
CA LEU A 169 -15.45 -18.29 -0.32
C LEU A 169 -16.97 -18.42 -0.16
N GLU A 170 -17.74 -17.75 -1.01
CA GLU A 170 -19.19 -17.89 -0.94
C GLU A 170 -19.67 -19.26 -1.35
N VAL A 171 -18.83 -20.04 -2.04
CA VAL A 171 -19.18 -21.41 -2.35
C VAL A 171 -18.33 -22.43 -1.58
N ASP A 172 -17.13 -22.07 -1.15
CA ASP A 172 -16.21 -22.99 -0.49
C ASP A 172 -15.53 -22.24 0.64
N PRO A 173 -16.18 -22.17 1.81
CA PRO A 173 -15.71 -21.25 2.87
C PRO A 173 -14.41 -21.68 3.52
N GLU A 174 -13.96 -22.93 3.32
CA GLU A 174 -12.69 -23.36 3.87
C GLU A 174 -11.61 -23.49 2.79
N ASN A 175 -11.79 -22.81 1.65
CA ASN A 175 -10.79 -22.87 0.62
C ASN A 175 -9.53 -22.15 1.08
N PRO A 176 -8.38 -22.82 1.20
CA PRO A 176 -7.23 -22.12 1.79
C PRO A 176 -6.74 -20.94 0.97
N GLU A 177 -6.63 -21.07 -0.35
CA GLU A 177 -6.02 -20.02 -1.16
C GLU A 177 -6.88 -18.76 -1.16
N SER A 178 -8.19 -18.91 -1.37
CA SER A 178 -9.02 -17.72 -1.36
C SER A 178 -9.18 -17.16 0.05
N SER A 179 -9.08 -18.00 1.07
N SER A 179 -9.06 -18.00 1.08
N SER A 179 -9.09 -18.00 1.08
CA SER A 179 -9.06 -17.47 2.42
CA SER A 179 -9.07 -17.45 2.44
CA SER A 179 -9.07 -17.45 2.44
C SER A 179 -7.89 -16.52 2.61
C SER A 179 -7.86 -16.55 2.67
C SER A 179 -7.88 -16.50 2.60
N ALA A 180 -6.72 -16.90 2.08
CA ALA A 180 -5.53 -16.06 2.19
C ALA A 180 -5.69 -14.77 1.42
N GLY A 181 -6.15 -14.88 0.17
CA GLY A 181 -6.27 -13.69 -0.66
C GLY A 181 -7.29 -12.72 -0.11
N TYR A 182 -8.43 -13.26 0.37
CA TYR A 182 -9.44 -12.43 1.02
C TYR A 182 -8.86 -11.71 2.23
N ALA A 183 -8.12 -12.44 3.07
CA ALA A 183 -7.58 -11.84 4.28
C ALA A 183 -6.57 -10.75 3.97
N ILE A 184 -5.66 -10.99 3.02
CA ILE A 184 -4.65 -9.99 2.71
C ILE A 184 -5.31 -8.75 2.10
N SER A 185 -6.23 -8.95 1.16
CA SER A 185 -6.96 -7.83 0.57
C SER A 185 -7.68 -7.03 1.65
N ALA A 186 -8.37 -7.73 2.55
CA ALA A 186 -9.09 -7.06 3.63
C ALA A 186 -8.15 -6.33 4.57
N TYR A 187 -6.99 -6.93 4.88
CA TYR A 187 -5.99 -6.28 5.73
C TYR A 187 -5.52 -4.98 5.11
N ARG A 188 -5.27 -4.98 3.80
CA ARG A 188 -4.74 -3.76 3.19
C ARG A 188 -5.81 -2.69 3.12
N LEU A 189 -7.06 -3.10 2.87
CA LEU A 189 -8.18 -2.15 2.87
C LEU A 189 -8.41 -1.58 4.27
N ASP A 190 -8.22 -2.41 5.32
CA ASP A 190 -8.28 -1.89 6.67
C ASP A 190 -7.21 -0.85 6.87
N GLY A 191 -6.04 -1.07 6.28
CA GLY A 191 -4.94 -0.12 6.43
C GLY A 191 -5.27 1.24 5.85
N PHE A 192 -6.03 1.27 4.75
CA PHE A 192 -6.44 2.54 4.17
C PHE A 192 -7.28 3.35 5.15
N LYS A 193 -8.05 2.70 6.02
CA LYS A 193 -8.97 3.38 6.89
C LYS A 193 -8.46 3.50 8.31
N LEU A 194 -7.21 3.14 8.56
CA LEU A 194 -6.73 2.94 9.92
C LEU A 194 -6.73 4.20 10.78
N ALA A 195 -6.74 5.39 10.17
CA ALA A 195 -6.80 6.65 10.93
C ALA A 195 -8.18 7.29 10.91
N THR A 196 -9.17 6.64 10.29
CA THR A 196 -10.51 7.21 10.24
C THR A 196 -11.23 6.88 11.53
N LYS A 197 -12.10 7.80 11.95
CA LYS A 197 -12.80 7.62 13.22
C LYS A 197 -13.66 6.36 13.19
N ASN A 198 -13.62 5.60 14.28
CA ASN A 198 -14.45 4.40 14.44
C ASN A 198 -14.13 3.32 13.42
N HIS A 199 -12.92 3.31 12.86
CA HIS A 199 -12.54 2.23 11.98
C HIS A 199 -12.58 0.91 12.74
N LYS A 200 -12.89 -0.16 12.01
CA LYS A 200 -13.02 -1.46 12.64
C LYS A 200 -12.13 -2.50 11.98
N PRO A 201 -11.75 -3.59 12.75
CA PRO A 201 -10.82 -4.62 12.22
C PRO A 201 -11.53 -5.71 11.41
N PHE A 202 -12.04 -5.32 10.24
CA PHE A 202 -12.71 -6.29 9.38
C PHE A 202 -11.82 -7.44 8.97
N SER A 203 -10.51 -7.25 8.95
CA SER A 203 -9.58 -8.27 8.47
C SER A 203 -9.13 -9.24 9.54
N LEU A 204 -9.42 -8.99 10.82
CA LEU A 204 -8.87 -9.84 11.87
C LEU A 204 -9.40 -11.28 11.79
N LEU A 205 -10.70 -11.46 11.77
CA LEU A 205 -11.24 -12.83 11.69
C LEU A 205 -10.82 -13.49 10.39
N PRO A 206 -10.87 -12.82 9.23
CA PRO A 206 -10.31 -13.43 8.00
C PRO A 206 -8.86 -13.88 8.15
N LEU A 207 -8.02 -13.07 8.80
CA LEU A 207 -6.63 -13.48 8.99
C LEU A 207 -6.52 -14.68 9.92
N ARG A 208 -7.32 -14.74 10.99
CA ARG A 208 -7.27 -15.92 11.83
C ARG A 208 -7.59 -17.16 11.00
N GLN A 209 -8.61 -17.07 10.15
CA GLN A 209 -9.06 -18.22 9.36
C GLN A 209 -8.00 -18.57 8.33
N ALA A 210 -7.38 -17.55 7.73
CA ALA A 210 -6.35 -17.82 6.73
C ALA A 210 -5.15 -18.53 7.34
N VAL A 211 -4.76 -18.15 8.55
CA VAL A 211 -3.68 -18.84 9.25
C VAL A 211 -4.09 -20.28 9.59
N ARG A 212 -5.33 -20.47 10.05
CA ARG A 212 -5.78 -21.83 10.33
C ARG A 212 -5.69 -22.71 9.10
N LEU A 213 -6.11 -22.20 7.95
CA LEU A 213 -6.20 -23.00 6.72
C LEU A 213 -4.88 -23.09 5.96
N ASN A 214 -3.91 -22.24 6.30
CA ASN A 214 -2.60 -22.19 5.66
C ASN A 214 -1.55 -22.19 6.76
N PRO A 215 -1.41 -23.31 7.49
CA PRO A 215 -0.62 -23.29 8.71
C PRO A 215 0.87 -23.06 8.49
N ASP A 216 1.36 -23.26 7.28
CA ASP A 216 2.78 -23.11 7.00
C ASP A 216 3.11 -21.74 6.43
N ALA A 217 2.12 -20.87 6.26
CA ALA A 217 2.33 -19.61 5.55
C ALA A 217 2.75 -18.52 6.53
N GLY A 218 4.05 -18.24 6.56
CA GLY A 218 4.53 -17.18 7.44
C GLY A 218 4.07 -15.79 7.04
N TYR A 219 3.89 -15.56 5.74
CA TYR A 219 3.40 -14.26 5.25
C TYR A 219 2.11 -13.86 5.95
N ILE A 220 1.17 -14.79 6.05
CA ILE A 220 -0.12 -14.44 6.65
C ILE A 220 0.02 -14.25 8.16
N LYS A 221 0.88 -15.05 8.80
CA LYS A 221 1.02 -14.95 10.25
C LYS A 221 1.49 -13.57 10.68
N VAL A 222 2.41 -12.96 9.90
CA VAL A 222 2.91 -11.66 10.33
C VAL A 222 1.88 -10.56 10.12
N LEU A 223 0.98 -10.69 9.15
CA LEU A 223 -0.13 -9.75 9.03
C LEU A 223 -1.12 -9.91 10.19
N LEU A 224 -1.45 -11.16 10.55
CA LEU A 224 -2.27 -11.40 11.74
C LEU A 224 -1.63 -10.77 12.96
N ALA A 225 -0.31 -10.93 13.11
CA ALA A 225 0.40 -10.33 14.23
C ALA A 225 0.23 -8.81 14.25
N LEU A 226 0.36 -8.17 13.08
CA LEU A 226 0.25 -6.72 13.03
C LEU A 226 -1.18 -6.26 13.31
N LYS A 227 -2.18 -7.01 12.86
CA LYS A 227 -3.55 -6.59 13.13
C LYS A 227 -3.86 -6.75 14.61
N LEU A 228 -3.38 -7.84 15.23
CA LEU A 228 -3.51 -7.99 16.68
C LEU A 228 -2.84 -6.82 17.40
N GLN A 229 -1.66 -6.41 16.94
CA GLN A 229 -1.00 -5.26 17.55
C GLN A 229 -1.85 -3.99 17.40
N ASP A 230 -2.45 -3.79 16.22
CA ASP A 230 -3.34 -2.64 16.00
C ASP A 230 -4.45 -2.62 17.01
N GLU A 231 -4.97 -3.79 17.35
CA GLU A 231 -6.12 -3.93 18.22
C GLU A 231 -5.74 -4.10 19.68
N GLY A 232 -4.52 -3.77 20.06
CA GLY A 232 -4.11 -3.81 21.45
C GLY A 232 -3.86 -5.20 21.98
N GLN A 233 -3.48 -6.14 21.12
CA GLN A 233 -3.18 -7.50 21.53
CA GLN A 233 -3.17 -7.50 21.53
C GLN A 233 -1.76 -7.84 21.07
N GLU A 234 -0.81 -7.01 21.45
CA GLU A 234 0.57 -7.15 20.98
C GLU A 234 1.20 -8.47 21.44
N ALA A 235 0.91 -8.89 22.67
CA ALA A 235 1.50 -10.13 23.16
C ALA A 235 1.03 -11.35 22.37
N GLU A 236 -0.26 -11.42 22.05
CA GLU A 236 -0.73 -12.50 21.18
C GLU A 236 -0.08 -12.39 19.81
N GLY A 237 0.00 -11.18 19.27
CA GLY A 237 0.63 -11.04 17.97
C GLY A 237 2.08 -11.48 17.97
N GLU A 238 2.81 -11.17 19.05
CA GLU A 238 4.22 -11.50 19.07
C GLU A 238 4.43 -13.01 18.98
N LYS A 239 3.48 -13.81 19.47
CA LYS A 239 3.61 -15.25 19.32
C LYS A 239 3.60 -15.67 17.84
N TYR A 240 2.80 -14.97 17.03
CA TYR A 240 2.78 -15.27 15.59
C TYR A 240 4.05 -14.77 14.93
N ILE A 241 4.60 -13.64 15.37
CA ILE A 241 5.88 -13.19 14.81
C ILE A 241 6.94 -14.25 15.05
N GLU A 242 7.03 -14.73 16.28
CA GLU A 242 8.04 -15.75 16.59
C GLU A 242 7.84 -17.02 15.77
N GLU A 243 6.58 -17.47 15.59
CA GLU A 243 6.36 -18.65 14.78
C GLU A 243 6.81 -18.42 13.35
N ALA A 244 6.57 -17.23 12.79
CA ALA A 244 6.92 -16.97 11.40
C ALA A 244 8.43 -16.91 11.24
N LEU A 245 9.10 -16.33 12.23
CA LEU A 245 10.55 -16.21 12.18
C LEU A 245 11.25 -17.55 12.37
N ALA A 246 10.57 -18.54 12.94
CA ALA A 246 11.14 -19.86 13.13
C ALA A 246 11.09 -20.72 11.88
N ASN A 247 10.41 -20.26 10.84
CA ASN A 247 10.25 -21.03 9.62
C ASN A 247 10.81 -20.27 8.43
N MET A 248 11.21 -21.03 7.42
CA MET A 248 11.89 -20.44 6.29
C MET A 248 10.94 -19.93 5.21
N SER A 249 9.65 -20.26 5.30
CA SER A 249 8.66 -19.85 4.30
C SER A 249 8.64 -18.33 4.13
N SER A 250 8.95 -17.86 2.91
CA SER A 250 8.83 -16.43 2.56
C SER A 250 9.56 -15.54 3.57
N GLN A 251 10.71 -16.02 4.01
CA GLN A 251 11.44 -15.39 5.11
CA GLN A 251 11.40 -15.39 5.13
C GLN A 251 11.62 -13.90 4.91
N THR A 252 12.02 -13.49 3.70
CA THR A 252 12.36 -12.08 3.51
C THR A 252 11.12 -11.18 3.68
N TYR A 253 9.94 -11.70 3.32
CA TYR A 253 8.73 -10.93 3.57
C TYR A 253 8.37 -10.93 5.06
N VAL A 254 8.58 -12.06 5.72
CA VAL A 254 8.40 -12.14 7.16
C VAL A 254 9.26 -11.11 7.86
N PHE A 255 10.49 -10.93 7.39
CA PHE A 255 11.36 -9.93 8.01
C PHE A 255 10.78 -8.52 7.91
N ARG A 256 10.20 -8.18 6.75
CA ARG A 256 9.62 -6.84 6.56
C ARG A 256 8.60 -6.53 7.62
N TYR A 257 7.64 -7.43 7.78
CA TYR A 257 6.51 -7.17 8.66
C TYR A 257 6.86 -7.39 10.12
N ALA A 258 7.75 -8.34 10.42
CA ALA A 258 8.27 -8.45 11.77
C ALA A 258 9.00 -7.17 12.17
N ALA A 259 9.75 -6.58 11.25
CA ALA A 259 10.42 -5.32 11.55
C ALA A 259 9.42 -4.22 11.87
N LYS A 260 8.32 -4.14 11.11
CA LYS A 260 7.29 -3.18 11.43
C LYS A 260 6.75 -3.43 12.83
N PHE A 261 6.46 -4.70 13.13
CA PHE A 261 5.96 -5.07 14.45
C PHE A 261 6.91 -4.62 15.54
N TYR A 262 8.20 -4.96 15.43
CA TYR A 262 9.14 -4.59 16.47
C TYR A 262 9.35 -3.09 16.55
N ARG A 263 9.35 -2.37 15.43
CA ARG A 263 9.46 -0.91 15.51
C ARG A 263 8.31 -0.33 16.30
N ARG A 264 7.08 -0.78 16.02
CA ARG A 264 5.92 -0.21 16.70
C ARG A 264 5.91 -0.61 18.17
N LYS A 265 6.53 -1.75 18.49
CA LYS A 265 6.68 -2.17 19.88
C LYS A 265 7.70 -1.33 20.64
N GLY A 266 8.63 -0.68 19.94
CA GLY A 266 9.69 0.08 20.57
C GLY A 266 11.05 -0.57 20.48
N SER A 267 11.15 -1.74 19.87
CA SER A 267 12.42 -2.45 19.70
C SER A 267 13.00 -2.09 18.34
N VAL A 268 13.51 -0.87 18.24
CA VAL A 268 13.91 -0.35 16.93
C VAL A 268 15.21 -0.98 16.46
N ASP A 269 16.13 -1.27 17.38
CA ASP A 269 17.36 -1.96 17.00
C ASP A 269 17.07 -3.31 16.37
N LYS A 270 16.13 -4.05 16.94
CA LYS A 270 15.78 -5.35 16.39
C LYS A 270 15.13 -5.19 15.03
N ALA A 271 14.30 -4.17 14.85
CA ALA A 271 13.69 -3.94 13.55
C ALA A 271 14.74 -3.63 12.50
N LEU A 272 15.70 -2.79 12.85
CA LEU A 272 16.74 -2.44 11.88
C LEU A 272 17.56 -3.64 11.47
N GLU A 273 17.85 -4.54 12.41
CA GLU A 273 18.63 -5.73 12.09
C GLU A 273 17.89 -6.57 11.05
N LEU A 274 16.57 -6.71 11.23
CA LEU A 274 15.79 -7.49 10.28
C LEU A 274 15.73 -6.82 8.91
N LEU A 275 15.55 -5.51 8.90
CA LEU A 275 15.43 -4.79 7.64
C LEU A 275 16.74 -4.82 6.86
N LYS A 276 17.87 -4.77 7.57
CA LYS A 276 19.15 -4.80 6.87
C LYS A 276 19.38 -6.15 6.22
N LYS A 277 18.91 -7.22 6.87
CA LYS A 277 18.96 -8.53 6.23
C LYS A 277 18.02 -8.60 5.03
N ALA A 278 16.81 -8.10 5.17
CA ALA A 278 15.87 -8.11 4.05
C ALA A 278 16.39 -7.30 2.86
N LEU A 279 17.07 -6.19 3.13
CA LEU A 279 17.58 -5.36 2.05
C LEU A 279 18.68 -6.07 1.26
N GLN A 280 19.42 -6.98 1.88
CA GLN A 280 20.36 -7.79 1.12
C GLN A 280 19.68 -8.61 0.04
N GLU A 281 18.44 -9.05 0.30
CA GLU A 281 17.72 -9.90 -0.64
CA GLU A 281 17.75 -9.90 -0.66
C GLU A 281 16.89 -9.11 -1.65
N THR A 282 16.19 -8.07 -1.21
CA THR A 282 15.38 -7.24 -2.12
C THR A 282 15.75 -5.77 -2.00
N PRO A 283 16.89 -5.39 -2.55
CA PRO A 283 17.36 -4.02 -2.36
C PRO A 283 16.53 -2.95 -3.07
N THR A 284 15.66 -3.32 -4.01
CA THR A 284 14.81 -2.34 -4.67
C THR A 284 13.47 -2.12 -3.96
N SER A 285 13.24 -2.77 -2.82
CA SER A 285 11.93 -2.69 -2.19
C SER A 285 11.66 -1.30 -1.60
N VAL A 286 10.62 -0.63 -2.09
CA VAL A 286 10.30 0.68 -1.54
C VAL A 286 9.71 0.55 -0.14
N LEU A 287 9.00 -0.55 0.14
CA LEU A 287 8.56 -0.80 1.50
C LEU A 287 9.75 -0.89 2.45
N LEU A 288 10.79 -1.65 2.09
CA LEU A 288 11.95 -1.74 2.97
C LEU A 288 12.60 -0.37 3.17
N HIS A 289 12.81 0.37 2.08
CA HIS A 289 13.47 1.67 2.26
C HIS A 289 12.64 2.58 3.15
N HIS A 290 11.33 2.63 2.95
CA HIS A 290 10.48 3.42 3.82
C HIS A 290 10.55 2.94 5.28
N GLN A 291 10.48 1.63 5.52
CA GLN A 291 10.55 1.13 6.89
C GLN A 291 11.88 1.49 7.57
N ILE A 292 12.98 1.39 6.81
CA ILE A 292 14.29 1.76 7.37
C ILE A 292 14.31 3.23 7.75
N GLY A 293 13.79 4.09 6.88
CA GLY A 293 13.68 5.48 7.21
C GLY A 293 12.86 5.73 8.47
N LEU A 294 11.77 4.98 8.65
CA LEU A 294 10.96 5.14 9.86
C LEU A 294 11.73 4.73 11.09
N CYS A 295 12.58 3.71 10.98
CA CYS A 295 13.43 3.33 12.11
C CYS A 295 14.38 4.46 12.46
N TYR A 296 15.05 5.04 11.46
CA TYR A 296 15.96 6.13 11.77
C TYR A 296 15.21 7.32 12.36
N LYS A 297 14.01 7.60 11.86
CA LYS A 297 13.19 8.64 12.45
C LYS A 297 12.91 8.35 13.92
N ALA A 298 12.55 7.10 14.24
CA ALA A 298 12.27 6.75 15.63
C ALA A 298 13.50 6.92 16.50
N GLN A 299 14.68 6.59 15.97
CA GLN A 299 15.91 6.75 16.74
C GLN A 299 16.27 8.23 16.88
N MET A 300 16.00 9.04 15.86
CA MET A 300 16.13 10.49 15.99
C MET A 300 15.30 10.99 17.16
N ILE A 301 14.05 10.56 17.23
CA ILE A 301 13.18 10.99 18.31
C ILE A 301 13.73 10.52 19.66
N GLN A 302 14.22 9.29 19.73
CA GLN A 302 14.81 8.80 20.97
C GLN A 302 15.97 9.68 21.43
N ILE A 303 16.84 10.10 20.50
CA ILE A 303 17.96 10.95 20.89
C ILE A 303 17.46 12.29 21.38
N LYS A 304 16.48 12.88 20.70
CA LYS A 304 15.97 14.16 21.15
C LYS A 304 15.42 14.05 22.57
N GLU A 305 14.73 12.96 22.89
CA GLU A 305 14.18 12.80 24.23
C GLU A 305 15.28 12.72 25.28
N ALA A 306 16.31 11.91 25.03
CA ALA A 306 17.37 11.73 26.02
C ALA A 306 18.21 12.99 26.24
N THR A 307 18.22 13.90 25.26
CA THR A 307 19.01 15.13 25.35
C THR A 307 18.11 16.35 25.47
N LYS A 308 16.83 16.14 25.79
CA LYS A 308 15.87 17.24 25.89
C LYS A 308 16.03 18.20 24.73
N GLY A 309 16.16 17.67 23.52
CA GLY A 309 16.18 18.46 22.31
C GLY A 309 17.49 19.14 21.96
N GLN A 310 18.51 19.03 22.81
CA GLN A 310 19.77 19.74 22.60
C GLN A 310 20.95 18.78 22.61
N PRO A 311 20.98 17.81 21.69
CA PRO A 311 22.12 16.91 21.61
C PRO A 311 23.39 17.68 21.26
N ARG A 312 24.51 17.20 21.82
CA ARG A 312 25.82 17.78 21.56
C ARG A 312 26.82 16.67 21.36
N GLY A 313 27.96 17.03 20.77
CA GLY A 313 29.05 16.08 20.67
C GLY A 313 28.66 14.85 19.89
N GLN A 314 29.01 13.68 20.44
CA GLN A 314 28.71 12.43 19.76
C GLN A 314 27.22 12.26 19.56
N ASN A 315 26.41 12.70 20.53
CA ASN A 315 24.96 12.61 20.38
C ASN A 315 24.47 13.38 19.17
N ARG A 316 25.05 14.56 18.93
CA ARG A 316 24.67 15.34 17.75
C ARG A 316 25.08 14.63 16.47
N GLU A 317 26.28 14.03 16.46
CA GLU A 317 26.71 13.29 15.28
C GLU A 317 25.80 12.10 15.02
N LYS A 318 25.34 11.43 16.08
CA LYS A 318 24.36 10.34 15.91
C LYS A 318 23.04 10.86 15.37
N LEU A 319 22.54 11.97 15.92
CA LEU A 319 21.31 12.55 15.41
C LEU A 319 21.42 12.88 13.93
N ASP A 320 22.53 13.51 13.55
CA ASP A 320 22.69 13.87 12.15
C ASP A 320 22.76 12.62 11.29
N LYS A 321 23.36 11.54 11.80
CA LYS A 321 23.38 10.29 11.05
C LYS A 321 21.97 9.79 10.84
N MET A 322 21.13 9.89 11.86
CA MET A 322 19.74 9.40 11.74
CA MET A 322 19.76 9.39 11.72
C MET A 322 18.98 10.23 10.72
N ILE A 323 19.13 11.55 10.80
CA ILE A 323 18.41 12.43 9.88
C ILE A 323 18.83 12.14 8.45
N ARG A 324 20.15 12.08 8.21
CA ARG A 324 20.63 11.95 6.85
C ARG A 324 20.35 10.56 6.30
N SER A 325 20.35 9.56 7.18
CA SER A 325 20.04 8.20 6.75
C SER A 325 18.55 8.07 6.42
N ALA A 326 17.69 8.69 7.22
CA ALA A 326 16.27 8.67 6.90
C ALA A 326 16.00 9.36 5.57
N ILE A 327 16.62 10.53 5.35
CA ILE A 327 16.48 11.22 4.06
C ILE A 327 16.93 10.33 2.91
N PHE A 328 18.07 9.65 3.08
CA PHE A 328 18.58 8.80 2.02
C PHE A 328 17.56 7.72 1.66
N HIS A 329 17.00 7.07 2.67
CA HIS A 329 16.11 5.96 2.40
C HIS A 329 14.74 6.44 1.91
N PHE A 330 14.21 7.53 2.44
CA PHE A 330 12.96 8.06 1.88
C PHE A 330 13.14 8.51 0.43
N GLU A 331 14.28 9.17 0.14
CA GLU A 331 14.58 9.52 -1.25
C GLU A 331 14.69 8.27 -2.11
N SER A 332 15.27 7.20 -1.58
CA SER A 332 15.38 5.98 -2.38
C SER A 332 14.01 5.42 -2.71
N ALA A 333 13.11 5.43 -1.73
CA ALA A 333 11.74 4.94 -1.95
C ALA A 333 11.02 5.72 -3.02
N VAL A 334 11.12 7.06 -2.99
CA VAL A 334 10.35 7.86 -3.95
C VAL A 334 11.01 7.91 -5.33
N GLU A 335 12.33 7.69 -5.42
CA GLU A 335 12.95 7.50 -6.73
C GLU A 335 12.39 6.28 -7.42
N LYS A 336 12.22 5.21 -6.67
CA LYS A 336 11.78 3.95 -7.25
C LYS A 336 10.28 3.92 -7.50
N LYS A 337 9.50 4.61 -6.67
CA LYS A 337 8.05 4.67 -6.82
C LYS A 337 7.60 6.10 -6.60
N PRO A 338 7.60 6.91 -7.66
CA PRO A 338 7.29 8.34 -7.49
C PRO A 338 5.85 8.61 -7.04
N THR A 339 4.97 7.63 -7.07
CA THR A 339 3.60 7.78 -6.60
C THR A 339 3.42 7.37 -5.15
N PHE A 340 4.50 7.06 -4.44
CA PHE A 340 4.46 6.63 -3.05
C PHE A 340 4.25 7.89 -2.19
N GLU A 341 2.99 8.27 -2.01
CA GLU A 341 2.71 9.59 -1.44
C GLU A 341 3.26 9.74 -0.03
N VAL A 342 2.98 8.76 0.85
CA VAL A 342 3.33 8.98 2.25
C VAL A 342 4.84 9.00 2.45
N ALA A 343 5.62 8.33 1.58
CA ALA A 343 7.08 8.43 1.68
C ALA A 343 7.53 9.85 1.37
N HIS A 344 6.87 10.53 0.43
CA HIS A 344 7.21 11.94 0.17
C HIS A 344 6.91 12.79 1.38
N LEU A 345 5.84 12.44 2.08
CA LEU A 345 5.42 13.21 3.23
C LEU A 345 6.42 13.03 4.37
N ASP A 346 6.84 11.79 4.62
CA ASP A 346 7.88 11.57 5.61
C ASP A 346 9.16 12.29 5.20
N LEU A 347 9.45 12.30 3.90
CA LEU A 347 10.66 12.95 3.40
C LEU A 347 10.59 14.46 3.62
N ALA A 348 9.47 15.09 3.23
CA ALA A 348 9.31 16.52 3.49
C ALA A 348 9.52 16.83 4.97
N ARG A 349 8.91 16.03 5.85
CA ARG A 349 9.01 16.27 7.28
C ARG A 349 10.44 16.08 7.77
N MET A 350 11.19 15.17 7.16
CA MET A 350 12.57 15.00 7.61
C MET A 350 13.47 16.11 7.11
N TYR A 351 13.18 16.71 5.94
CA TYR A 351 13.96 17.87 5.54
C TYR A 351 13.74 19.04 6.51
N ILE A 352 12.55 19.15 7.12
CA ILE A 352 12.37 20.15 8.18
C ILE A 352 13.37 19.89 9.30
N GLU A 353 13.51 18.63 9.71
CA GLU A 353 14.43 18.30 10.79
C GLU A 353 15.87 18.59 10.41
N ALA A 354 16.21 18.48 9.12
CA ALA A 354 17.55 18.79 8.65
C ALA A 354 17.76 20.28 8.47
N GLY A 355 16.72 21.07 8.61
CA GLY A 355 16.86 22.52 8.43
C GLY A 355 16.81 22.98 7.01
N ASN A 356 16.37 22.13 6.07
CA ASN A 356 16.31 22.50 4.66
C ASN A 356 14.86 22.77 4.30
N HIS A 357 14.45 24.03 4.46
CA HIS A 357 13.06 24.37 4.22
C HIS A 357 12.73 24.39 2.74
N ARG A 358 13.70 24.67 1.88
CA ARG A 358 13.43 24.66 0.46
C ARG A 358 13.10 23.27 -0.03
N LYS A 359 13.85 22.26 0.42
CA LYS A 359 13.53 20.89 0.00
C LYS A 359 12.25 20.40 0.65
N ALA A 360 11.94 20.84 1.86
CA ALA A 360 10.66 20.49 2.43
C ALA A 360 9.53 21.07 1.59
N GLU A 361 9.63 22.38 1.29
CA GLU A 361 8.63 23.05 0.44
C GLU A 361 8.47 22.32 -0.89
N GLU A 362 9.57 21.89 -1.48
CA GLU A 362 9.58 21.23 -2.77
C GLU A 362 8.74 19.97 -2.72
N ASN A 363 8.96 19.16 -1.69
CA ASN A 363 8.23 17.92 -1.59
C ASN A 363 6.78 18.17 -1.24
N PHE A 364 6.49 19.17 -0.40
CA PHE A 364 5.09 19.48 -0.12
C PHE A 364 4.38 19.90 -1.41
N GLN A 365 5.05 20.68 -2.26
CA GLN A 365 4.39 21.13 -3.49
C GLN A 365 4.08 19.95 -4.38
N LYS A 366 4.99 18.98 -4.47
CA LYS A 366 4.71 17.78 -5.24
C LYS A 366 3.49 17.07 -4.67
N LEU A 367 3.44 16.91 -3.35
CA LEU A 367 2.33 16.21 -2.72
C LEU A 367 1.00 16.89 -3.01
N LEU A 368 0.97 18.23 -3.03
CA LEU A 368 -0.31 18.89 -3.22
C LEU A 368 -0.92 18.60 -4.59
N CYS A 369 -0.11 18.15 -5.54
CA CYS A 369 -0.56 17.80 -6.89
C CYS A 369 -0.93 16.34 -7.04
N MET A 370 -0.75 15.52 -6.03
CA MET A 370 -0.98 14.09 -6.17
C MET A 370 -2.45 13.78 -5.95
N LYS A 371 -2.83 12.59 -6.42
CA LYS A 371 -4.22 12.10 -6.32
C LYS A 371 -4.18 10.73 -5.67
N PRO A 372 -3.96 10.66 -4.36
CA PRO A 372 -3.84 9.37 -3.69
C PRO A 372 -5.10 8.53 -3.81
N VAL A 373 -4.90 7.22 -3.94
CA VAL A 373 -6.01 6.26 -3.86
C VAL A 373 -6.76 6.45 -2.56
N VAL A 374 -6.02 6.71 -1.48
CA VAL A 374 -6.59 6.97 -0.18
C VAL A 374 -6.78 8.47 -0.06
N GLU A 375 -8.02 8.94 -0.24
CA GLU A 375 -8.23 10.38 -0.34
C GLU A 375 -7.90 11.09 0.96
N GLU A 376 -8.08 10.43 2.11
CA GLU A 376 -7.80 11.03 3.41
C GLU A 376 -6.31 11.40 3.57
N THR A 377 -5.42 10.77 2.83
CA THR A 377 -4.01 11.17 2.91
C THR A 377 -3.83 12.65 2.58
N MET A 378 -4.72 13.23 1.78
CA MET A 378 -4.57 14.65 1.51
CA MET A 378 -4.62 14.66 1.50
C MET A 378 -4.85 15.49 2.76
N GLN A 379 -5.61 14.97 3.72
CA GLN A 379 -5.75 15.68 5.01
C GLN A 379 -4.38 15.84 5.67
N ASP A 380 -3.60 14.76 5.71
CA ASP A 380 -2.28 14.81 6.34
C ASP A 380 -1.34 15.72 5.55
N ILE A 381 -1.44 15.71 4.23
CA ILE A 381 -0.59 16.59 3.42
C ILE A 381 -0.85 18.04 3.75
N HIS A 382 -2.13 18.45 3.75
CA HIS A 382 -2.47 19.83 4.08
C HIS A 382 -2.13 20.15 5.53
N PHE A 383 -2.39 19.23 6.45
CA PHE A 383 -2.10 19.48 7.85
C PHE A 383 -0.62 19.73 8.07
N HIS A 384 0.24 18.83 7.58
CA HIS A 384 1.65 19.01 7.82
C HIS A 384 2.21 20.19 7.06
N TYR A 385 1.66 20.51 5.88
CA TYR A 385 2.11 21.72 5.19
C TYR A 385 1.67 22.96 5.96
N GLY A 386 0.45 22.94 6.48
CA GLY A 386 -0.01 24.03 7.34
C GLY A 386 0.91 24.27 8.52
N ARG A 387 1.33 23.20 9.19
CA ARG A 387 2.25 23.34 10.31
C ARG A 387 3.59 23.90 9.86
N PHE A 388 4.10 23.40 8.73
CA PHE A 388 5.31 23.96 8.14
C PHE A 388 5.16 25.46 7.93
N GLN A 389 4.05 25.87 7.34
CA GLN A 389 3.81 27.29 7.07
C GLN A 389 3.76 28.09 8.36
N GLU A 390 3.07 27.56 9.38
CA GLU A 390 2.93 28.31 10.63
C GLU A 390 4.27 28.44 11.34
N PHE A 391 5.01 27.34 11.48
CA PHE A 391 6.13 27.28 12.40
C PHE A 391 7.48 27.51 11.74
N GLN A 392 7.70 27.04 10.52
CA GLN A 392 8.98 27.27 9.86
C GLN A 392 8.95 28.51 8.98
N LYS A 393 7.86 28.73 8.24
CA LYS A 393 7.75 29.89 7.37
C LYS A 393 7.13 31.11 8.06
N LYS A 394 6.58 30.96 9.26
CA LYS A 394 5.97 32.06 9.99
C LYS A 394 4.92 32.77 9.14
N SER A 395 4.14 31.98 8.39
CA SER A 395 3.07 32.50 7.52
C SER A 395 1.73 32.00 8.03
N ASP A 396 1.06 32.82 8.84
CA ASP A 396 -0.28 32.45 9.29
C ASP A 396 -1.27 32.39 8.13
N VAL A 397 -1.07 33.23 7.12
CA VAL A 397 -1.98 33.24 5.98
C VAL A 397 -2.00 31.88 5.31
N ASN A 398 -0.82 31.31 5.08
CA ASN A 398 -0.78 30.03 4.37
C ASN A 398 -1.11 28.88 5.30
N ALA A 399 -0.79 29.00 6.58
CA ALA A 399 -1.17 27.96 7.53
C ALA A 399 -2.69 27.82 7.57
N ILE A 400 -3.41 28.94 7.67
CA ILE A 400 -4.87 28.91 7.70
C ILE A 400 -5.41 28.28 6.44
N ILE A 401 -4.84 28.65 5.28
CA ILE A 401 -5.32 28.11 4.02
C ILE A 401 -5.28 26.59 4.06
N HIS A 402 -4.18 26.04 4.56
CA HIS A 402 -4.03 24.59 4.48
C HIS A 402 -4.67 23.84 5.63
N TYR A 403 -4.77 24.43 6.83
CA TYR A 403 -5.62 23.82 7.83
C TYR A 403 -7.05 23.74 7.32
N LEU A 404 -7.53 24.80 6.66
CA LEU A 404 -8.90 24.76 6.17
C LEU A 404 -9.06 23.71 5.08
N LYS A 405 -8.05 23.55 4.21
CA LYS A 405 -8.16 22.52 3.17
C LYS A 405 -8.20 21.13 3.77
N ALA A 406 -7.50 20.90 4.90
CA ALA A 406 -7.58 19.59 5.54
C ALA A 406 -8.97 19.37 6.10
N ILE A 407 -9.53 20.39 6.72
CA ILE A 407 -10.85 20.33 7.33
C ILE A 407 -11.93 20.12 6.29
N LYS A 408 -11.75 20.70 5.09
CA LYS A 408 -12.73 20.60 4.01
C LYS A 408 -12.91 19.17 3.52
N ILE A 409 -11.89 18.32 3.71
CA ILE A 409 -11.99 16.89 3.44
C ILE A 409 -12.75 16.29 4.63
N GLU A 410 -14.03 15.96 4.42
CA GLU A 410 -14.92 15.84 5.58
C GLU A 410 -14.68 14.59 6.41
N GLN A 411 -14.09 13.55 5.82
CA GLN A 411 -13.90 12.29 6.53
C GLN A 411 -13.33 12.51 7.93
N ALA A 412 -14.05 12.03 8.96
CA ALA A 412 -13.59 12.21 10.32
C ALA A 412 -12.34 11.39 10.57
N SER A 413 -11.32 12.01 11.15
CA SER A 413 -10.04 11.34 11.30
C SER A 413 -9.25 12.02 12.39
N LEU A 414 -8.20 11.31 12.83
CA LEU A 414 -7.24 11.92 13.76
C LEU A 414 -6.73 13.25 13.22
N THR A 415 -6.33 13.28 11.95
CA THR A 415 -5.70 14.49 11.41
C THR A 415 -6.70 15.61 11.20
N ARG A 416 -7.94 15.30 10.84
CA ARG A 416 -8.91 16.37 10.72
C ARG A 416 -9.13 17.04 12.07
N ASP A 417 -9.20 16.23 13.15
CA ASP A 417 -9.34 16.83 14.48
C ASP A 417 -8.14 17.67 14.83
N LYS A 418 -6.92 17.19 14.51
CA LYS A 418 -5.74 17.98 14.79
C LYS A 418 -5.72 19.28 14.00
N SER A 419 -6.26 19.26 12.77
CA SER A 419 -6.30 20.47 11.95
C SER A 419 -7.26 21.50 12.53
N ILE A 420 -8.42 21.04 13.03
CA ILE A 420 -9.33 21.95 13.73
C ILE A 420 -8.62 22.55 14.94
N ASN A 421 -7.94 21.72 15.75
CA ASN A 421 -7.26 22.24 16.93
C ASN A 421 -6.14 23.20 16.57
N SER A 422 -5.36 22.89 15.52
CA SER A 422 -4.28 23.79 15.13
C SER A 422 -4.82 25.15 14.67
N LEU A 423 -5.89 25.12 13.88
CA LEU A 423 -6.51 26.36 13.44
C LEU A 423 -7.01 27.16 14.64
N LYS A 424 -7.64 26.48 15.61
CA LYS A 424 -8.12 27.15 16.80
C LYS A 424 -7.00 27.82 17.56
N LYS A 425 -5.88 27.11 17.74
CA LYS A 425 -4.74 27.68 18.46
C LYS A 425 -4.17 28.89 17.74
N LEU A 426 -4.01 28.77 16.43
CA LEU A 426 -3.48 29.88 15.64
C LEU A 426 -4.37 31.11 15.77
N VAL A 427 -5.68 30.92 15.64
CA VAL A 427 -6.60 32.06 15.67
C VAL A 427 -6.65 32.67 17.07
N LEU A 428 -6.71 31.85 18.11
CA LEU A 428 -6.66 32.37 19.47
C LEU A 428 -5.39 33.19 19.69
N ARG A 429 -4.29 32.77 19.07
CA ARG A 429 -3.05 33.54 19.13
C ARG A 429 -3.21 34.91 18.50
N LYS A 430 -3.73 34.96 17.28
CA LYS A 430 -3.87 36.23 16.57
C LYS A 430 -4.78 37.18 17.32
N LEU A 431 -5.80 36.66 17.99
CA LEU A 431 -6.75 37.54 18.67
C LEU A 431 -6.14 38.16 19.92
N ARG A 432 -5.17 37.49 20.55
CA ARG A 432 -4.46 38.10 21.66
C ARG A 432 -3.61 39.28 21.20
N ARG A 433 -3.05 39.21 19.99
CA ARG A 433 -2.32 40.34 19.45
C ARG A 433 -3.24 41.41 18.89
N LYS A 434 -4.48 41.05 18.54
CA LYS A 434 -5.41 42.01 17.96
C LYS A 434 -6.82 41.45 18.19
N ALA A 435 -7.48 41.91 19.25
CA ALA A 435 -8.76 41.35 19.66
C ALA A 435 -9.87 41.62 18.66
N LEU A 436 -9.72 42.64 17.81
CA LEU A 436 -10.76 42.97 16.85
C LEU A 436 -10.29 42.70 15.43
N ASP A 437 -9.66 41.55 15.20
CA ASP A 437 -9.36 41.09 13.85
C ASP A 437 -10.60 40.38 13.33
N LEU A 438 -11.24 40.97 12.31
CA LEU A 438 -12.48 40.41 11.79
C LEU A 438 -12.29 38.98 11.33
N GLU A 439 -11.21 38.73 10.56
CA GLU A 439 -10.98 37.41 9.98
C GLU A 439 -10.86 36.36 11.07
N SER A 440 -10.09 36.67 12.12
CA SER A 440 -9.88 35.71 13.20
C SER A 440 -11.16 35.47 13.99
N LEU A 441 -11.98 36.52 14.15
CA LEU A 441 -13.25 36.34 14.86
C LEU A 441 -14.14 35.35 14.13
N SER A 442 -14.29 35.50 12.83
CA SER A 442 -15.18 34.59 12.14
C SER A 442 -14.58 33.20 12.05
N LEU A 443 -13.26 33.09 11.91
CA LEU A 443 -12.63 31.76 11.92
C LEU A 443 -12.84 31.08 13.26
N LEU A 444 -12.78 31.84 14.35
CA LEU A 444 -13.03 31.24 15.65
C LEU A 444 -14.47 30.76 15.77
N GLY A 445 -15.42 31.55 15.24
CA GLY A 445 -16.79 31.07 15.15
C GLY A 445 -16.91 29.79 14.35
N PHE A 446 -16.20 29.73 13.22
CA PHE A 446 -16.19 28.52 12.39
C PHE A 446 -15.73 27.31 13.20
N VAL A 447 -14.64 27.49 13.96
CA VAL A 447 -14.11 26.41 14.78
C VAL A 447 -15.15 25.94 15.79
N TYR A 448 -15.75 26.89 16.51
CA TYR A 448 -16.78 26.52 17.49
C TYR A 448 -17.95 25.83 16.81
N LYS A 449 -18.33 26.29 15.62
CA LYS A 449 -19.39 25.63 14.88
C LYS A 449 -19.04 24.18 14.59
N LEU A 450 -17.80 23.92 14.16
CA LEU A 450 -17.40 22.55 13.88
C LEU A 450 -17.36 21.71 15.14
N GLU A 451 -17.12 22.34 16.29
CA GLU A 451 -17.15 21.65 17.57
C GLU A 451 -18.57 21.47 18.11
N GLY A 452 -19.55 22.15 17.54
CA GLY A 452 -20.93 22.00 17.98
C GLY A 452 -21.41 23.05 18.95
N ASN A 453 -20.56 23.99 19.38
CA ASN A 453 -20.95 25.06 20.29
C ASN A 453 -21.61 26.18 19.49
N MET A 454 -22.90 26.00 19.18
CA MET A 454 -23.56 26.88 18.24
C MET A 454 -23.78 28.28 18.82
N ASN A 455 -23.93 28.40 20.14
CA ASN A 455 -24.14 29.73 20.70
C ASN A 455 -22.86 30.55 20.65
N GLU A 456 -21.74 29.95 21.11
CA GLU A 456 -20.46 30.63 21.03
C GLU A 456 -20.07 30.91 19.59
N ALA A 457 -20.41 30.01 18.68
CA ALA A 457 -20.08 30.24 17.28
C ALA A 457 -20.81 31.46 16.77
N GLU A 458 -22.12 31.54 17.02
CA GLU A 458 -22.88 32.63 16.43
C GLU A 458 -22.50 33.96 17.04
N GLU A 459 -22.18 34.00 18.34
CA GLU A 459 -21.78 35.28 18.91
C GLU A 459 -20.50 35.78 18.26
N TYR A 460 -19.57 34.88 17.90
CA TYR A 460 -18.35 35.32 17.24
C TYR A 460 -18.62 35.73 15.80
N TYR A 461 -19.49 35.00 15.09
CA TYR A 461 -19.87 35.42 13.75
C TYR A 461 -20.56 36.78 13.78
N GLU A 462 -21.45 37.00 14.76
CA GLU A 462 -22.14 38.28 14.90
C GLU A 462 -21.15 39.39 15.21
N ARG A 463 -20.29 39.16 16.20
CA ARG A 463 -19.27 40.14 16.56
C ARG A 463 -18.47 40.56 15.34
N ALA A 464 -18.08 39.59 14.51
CA ALA A 464 -17.31 39.91 13.32
C ALA A 464 -18.13 40.74 12.34
N GLU A 465 -19.43 40.44 12.21
CA GLU A 465 -20.26 41.16 11.25
C GLU A 465 -20.45 42.62 11.65
N ARG A 466 -20.50 42.92 12.94
CA ARG A 466 -20.68 44.29 13.40
C ARG A 466 -19.52 45.17 12.98
N LEU A 467 -18.29 44.72 13.24
CA LEU A 467 -17.11 45.45 12.81
C LEU A 467 -17.22 45.81 11.33
N ALA A 468 -17.54 44.82 10.50
CA ALA A 468 -17.68 45.05 9.07
C ALA A 468 -18.76 46.09 8.76
N2 GTA B 1 -0.22 -15.92 -5.99
O6 GTA B 1 -0.28 -17.89 -1.86
C6 GTA B 1 -0.15 -16.87 -2.56
C5 GTA B 1 0.22 -15.58 -1.95
N7 GTA B 1 0.41 -15.18 -0.68
C7 GTA B 1 0.34 -15.98 0.57
C8 GTA B 1 0.68 -13.85 -0.73
N9 GTA B 1 0.65 -13.43 -2.01
C4 GTA B 1 0.36 -14.44 -2.82
N3 GTA B 1 0.24 -14.58 -4.15
C2 GTA B 1 -0.09 -15.80 -4.65
N1 GTA B 1 -0.26 -16.89 -3.90
O3A GTA B 1 0.50 -9.23 -3.32
C1A GTA B 1 0.87 -12.11 -2.59
C2A GTA B 1 0.61 -10.95 -1.65
C3A GTA B 1 1.37 -9.85 -2.37
C4A GTA B 1 2.55 -10.61 -3.00
C5A GTA B 1 3.84 -10.42 -2.22
O4A GTA B 1 2.22 -12.01 -2.96
O2A GTA B 1 -0.77 -10.67 -1.52
P1 GTA B 1 4.45 -7.98 -1.49
O11 GTA B 1 4.26 -8.46 -0.09
O12 GTA B 1 5.65 -7.11 -1.81
O13 GTA B 1 3.17 -7.10 -1.83
O15 GTA B 1 4.50 -9.18 -2.53
P2 GTA B 1 2.81 -6.26 -3.16
O22 GTA B 1 1.38 -6.57 -3.49
O21 GTA B 1 3.90 -6.45 -4.13
O23 GTA B 1 2.85 -4.85 -2.38
P3 GTA B 1 2.73 -3.28 -2.79
O32 GTA B 1 1.84 -2.99 -3.95
O31 GTA B 1 4.14 -2.76 -2.77
O33 GTA B 1 2.00 -2.75 -1.44
C5B GTA B 1 2.78 -2.57 -0.23
C4B GTA B 1 1.95 -1.86 0.81
O4B GTA B 1 1.51 -0.62 0.26
C3B GTA B 1 0.66 -2.61 1.23
O3B GTA B 1 0.40 -2.43 2.62
C2B GTA B 1 -0.38 -1.94 0.38
O2B GTA B 1 -1.69 -1.93 0.97
C1B GTA B 1 0.09 -0.52 0.30
N9C GTA B 1 -0.32 0.14 -0.95
C8C GTA B 1 -0.14 -0.29 -2.20
N7C GTA B 1 -0.64 0.57 -3.09
C5C GTA B 1 -1.13 1.61 -2.39
C6C GTA B 1 -1.77 2.88 -2.73
N6C GTA B 1 -1.97 3.20 -4.04
N1C GTA B 1 -2.13 3.67 -1.71
C2C GTA B 1 -1.91 3.36 -0.42
N3C GTA B 1 -1.33 2.21 -0.04
C4C GTA B 1 -0.93 1.33 -0.98
HN21 GTA B 1 -0.45 -16.82 -6.39
HN22 GTA B 1 -0.10 -15.11 -6.59
H71 GTA B 1 1.26 -15.92 1.08
H72 GTA B 1 -0.44 -15.58 1.18
H73 GTA B 1 0.12 -16.99 0.34
H8 GTA B 1 0.89 -13.23 0.12
HN1 GTA B 1 -0.48 -17.80 -4.36
HO3A GTA B 1 1.00 -8.59 -3.85
H1A GTA B 1 0.24 -11.98 -3.47
H2A GTA B 1 1.08 -11.16 -0.68
H3A GTA B 1 1.74 -9.12 -1.65
H4A GTA B 1 2.69 -10.27 -4.04
H5A1 GTA B 1 4.52 -11.24 -2.45
H5A2 GTA B 1 3.62 -10.45 -1.16
HO2A GTA B 1 -1.22 -11.40 -1.06
H5B1 GTA B 1 3.68 -1.99 -0.45
H5B2 GTA B 1 3.09 -3.55 0.14
H4B GTA B 1 2.57 -1.68 1.70
H3B GTA B 1 0.75 -3.67 0.97
HO3B GTA B 1 0.28 -1.49 2.80
H2B GTA B 1 -0.39 -2.39 -0.62
HO2B GTA B 1 -1.98 -2.83 1.13
H1B GTA B 1 -0.25 0.05 1.17
H8C GTA B 1 0.31 -1.25 -2.46
HN61 GTA B 1 -2.43 4.06 -4.28
HN62 GTA B 1 -1.69 2.55 -4.76
H2C GTA B 1 -2.22 4.06 0.34
C1 PGE C . 0.71 -2.27 -26.14
O1 PGE C . 2.09 -2.20 -25.83
C2 PGE C . 0.60 -2.90 -27.52
O2 PGE C . -0.76 -3.08 -27.86
C3 PGE C . -1.33 -1.96 -28.49
C4 PGE C . -1.54 -2.29 -29.95
O4 PGE C . 0.75 -0.63 -33.71
C6 PGE C . 0.21 -0.25 -32.47
C5 PGE C . -0.32 -1.50 -31.81
O3 PGE C . -1.18 -1.17 -30.73
H1 PGE C . 0.16 -2.90 -25.42
H12 PGE C . 0.24 -1.28 -26.17
HO1 PGE C . 2.24 -1.39 -25.33
H2 PGE C . 1.10 -2.25 -28.25
H22 PGE C . 1.13 -3.87 -27.51
H3 PGE C . -2.30 -1.69 -28.03
H32 PGE C . -0.67 -1.08 -28.41
H4 PGE C . -0.94 -3.17 -30.21
H42 PGE C . -2.60 -2.55 -30.10
HO4 PGE C . 1.71 -0.73 -33.60
H6 PGE C . -0.62 0.47 -32.59
H62 PGE C . 0.96 0.20 -31.80
H5 PGE C . 0.54 -2.11 -31.46
H52 PGE C . -0.86 -2.10 -32.57
CA CA D . 12.05 -19.44 -0.40
CA CA E . 13.51 -16.75 -15.78
#